data_5O0Y
#
_entry.id   5O0Y
#
_cell.length_a   126.020
_cell.length_b   126.020
_cell.length_c   126.020
_cell.angle_alpha   90.00
_cell.angle_beta   90.00
_cell.angle_gamma   90.00
#
_symmetry.space_group_name_H-M   'P 21 3'
#
loop_
_entity.id
_entity.type
_entity.pdbx_description
1 polymer 'Serine/threonine-protein kinase tousled-like 2'
2 non-polymer 'PHOSPHOTHIOPHOSPHORIC ACID-ADENYLATE ESTER'
#
_entity_poly.entity_id   1
_entity_poly.type   'polypeptide(L)'
_entity_poly.pdbx_seq_one_letter_code
;MGSSHHHHHHSTGSTEHSCSSQKQISIQHRQTQSDLTIEKISALENSKNSDLEKKEGRIDDLLRANCDLRRQIDEQQKML
EKYKERLNRCVTMSKKLLIEKSKQEKMACRDKSMQDRLRLGHFTTVRHGASFTEQWTDGYAFQNLIKQQERINSQREEIE
RQRKMLAKRKPPAMGQAPPATNEQKQRKSKTNGAENETPSSGNTELKDTAPALGAHSLLRLTLAEYHEQEEIFKLRLGHL
KKEEAEIQAELERLERVRNLHIRELKRIHNEDNSQFKDHPTLNDRYLLLHLLGRGGFSEVYKAFDLTEQRYVAVKIHQLN
KNWRDEKKENYHKHACREYRIHKELDHPRIVKLYDYFSLDTDSFCTVLEYCEGNDLDFYLKQHKLMSEKEARSIIMQIVN
ALKYLNEIKPPIIHYDLKPGNILLVNGTACGEIKITDFGLSKIMDDDSYNSVDGMELTSQGAGTYWYLPPECFVVGKEPP
KISNKVDVWSVGVIFYQCLYGRKPFGHNQSQQDILQENTILKATEVQFPPKPVVTPEAKAFIRRCLAYRKEDRIDVQQLA
CDPYLLPHIRKSVSTSSPA
;
_entity_poly.pdbx_strand_id   A
#
# COMPACT_ATOMS: atom_id res chain seq x y z
N PRO A 280 -26.95 0.19 -18.25
CA PRO A 280 -26.30 1.48 -18.58
C PRO A 280 -24.83 1.28 -19.03
N THR A 281 -24.60 0.76 -20.23
CA THR A 281 -23.32 0.03 -20.55
C THR A 281 -22.19 0.90 -21.14
N LEU A 282 -20.95 0.62 -20.71
CA LEU A 282 -19.74 1.39 -21.05
C LEU A 282 -18.78 0.56 -21.89
N ASN A 283 -18.13 1.22 -22.86
CA ASN A 283 -17.12 0.61 -23.73
C ASN A 283 -17.62 -0.68 -24.42
N ASP A 284 -18.92 -0.71 -24.72
CA ASP A 284 -19.59 -1.83 -25.42
C ASP A 284 -19.49 -3.19 -24.73
N ARG A 285 -19.44 -3.19 -23.40
CA ARG A 285 -19.27 -4.43 -22.63
C ARG A 285 -19.35 -3.47 -21.43
N TYR A 286 -19.15 -3.97 -20.20
CA TYR A 286 -19.33 -3.14 -19.00
C TYR A 286 -20.71 -2.61 -18.60
N LEU A 287 -21.64 -3.54 -18.43
CA LEU A 287 -23.01 -3.23 -18.03
C LEU A 287 -23.05 -2.85 -16.54
N LEU A 288 -23.30 -1.57 -16.26
CA LEU A 288 -23.20 -1.04 -14.88
C LEU A 288 -24.40 -1.43 -14.02
N LEU A 289 -24.12 -2.09 -12.90
CA LEU A 289 -25.17 -2.63 -12.02
C LEU A 289 -25.51 -1.68 -10.89
N HIS A 290 -24.68 -1.56 -9.86
CA HIS A 290 -24.94 -0.61 -8.76
C HIS A 290 -23.65 0.03 -8.22
N LEU A 291 -23.83 1.08 -7.42
CA LEU A 291 -22.71 1.75 -6.78
C LEU A 291 -22.13 0.86 -5.68
N LEU A 292 -20.81 0.87 -5.56
CA LEU A 292 -20.08 0.19 -4.49
C LEU A 292 -19.47 1.16 -3.48
N GLY A 293 -18.99 2.29 -3.98
CA GLY A 293 -18.43 3.33 -3.12
C GLY A 293 -17.95 4.53 -3.90
N ARG A 294 -17.51 5.54 -3.16
CA ARG A 294 -17.00 6.77 -3.72
C ARG A 294 -15.57 6.95 -3.24
N GLY A 295 -14.68 7.36 -4.15
CA GLY A 295 -13.34 7.79 -3.79
C GLY A 295 -13.30 9.30 -3.60
N GLY A 296 -12.11 9.87 -3.69
CA GLY A 296 -11.93 11.32 -3.59
C GLY A 296 -12.59 12.01 -4.76
N PHE A 297 -12.20 11.60 -5.97
CA PHE A 297 -12.75 12.16 -7.20
C PHE A 297 -13.16 11.01 -8.13
N SER A 298 -13.84 10.02 -7.57
CA SER A 298 -14.29 8.86 -8.34
C SER A 298 -15.52 8.20 -7.73
N GLU A 299 -16.24 7.45 -8.56
CA GLU A 299 -17.32 6.58 -8.13
C GLU A 299 -17.02 5.17 -8.65
N VAL A 300 -17.20 4.17 -7.79
CA VAL A 300 -16.90 2.79 -8.16
C VAL A 300 -18.21 2.01 -8.26
N TYR A 301 -18.46 1.43 -9.44
CA TYR A 301 -19.67 0.64 -9.71
C TYR A 301 -19.35 -0.84 -9.87
N LYS A 302 -20.23 -1.70 -9.39
CA LYS A 302 -20.20 -3.10 -9.76
C LYS A 302 -20.77 -3.18 -11.16
N ALA A 303 -20.12 -3.93 -12.03
CA ALA A 303 -20.58 -4.09 -13.41
C ALA A 303 -20.44 -5.53 -13.84
N PHE A 304 -21.17 -5.88 -14.90
CA PHE A 304 -21.03 -7.19 -15.53
C PHE A 304 -20.33 -7.00 -16.87
N ASP A 305 -19.19 -7.67 -17.03
CA ASP A 305 -18.41 -7.63 -18.27
C ASP A 305 -19.04 -8.61 -19.25
N LEU A 306 -19.75 -8.09 -20.25
CA LEU A 306 -20.51 -8.93 -21.18
C LEU A 306 -19.67 -9.85 -22.06
N THR A 307 -18.42 -9.46 -22.34
CA THR A 307 -17.56 -10.27 -23.20
C THR A 307 -16.91 -11.41 -22.40
N GLU A 308 -16.22 -11.09 -21.31
CA GLU A 308 -15.63 -12.12 -20.43
C GLU A 308 -16.68 -12.94 -19.68
N GLN A 309 -17.83 -12.33 -19.37
CA GLN A 309 -18.91 -12.93 -18.58
C GLN A 309 -18.47 -13.14 -17.12
N ARG A 310 -18.10 -12.02 -16.49
CA ARG A 310 -17.72 -11.98 -15.08
C ARG A 310 -18.07 -10.62 -14.49
N TYR A 311 -18.18 -10.56 -13.17
CA TYR A 311 -18.44 -9.30 -12.48
C TYR A 311 -17.14 -8.57 -12.24
N VAL A 312 -17.15 -7.25 -12.45
CA VAL A 312 -15.96 -6.40 -12.29
C VAL A 312 -16.33 -5.12 -11.55
N ALA A 313 -15.32 -4.34 -11.18
CA ALA A 313 -15.51 -3.03 -10.58
C ALA A 313 -15.04 -1.97 -11.56
N VAL A 314 -15.96 -1.09 -11.99
CA VAL A 314 -15.62 0.03 -12.87
C VAL A 314 -15.48 1.27 -12.01
N LYS A 315 -14.29 1.85 -11.99
CA LYS A 315 -14.00 3.07 -11.25
C LYS A 315 -13.99 4.24 -12.21
N ILE A 316 -15.05 5.05 -12.17
CA ILE A 316 -15.21 6.21 -13.06
C ILE A 316 -14.61 7.46 -12.42
N HIS A 317 -13.44 7.87 -12.92
CA HIS A 317 -12.74 9.06 -12.41
C HIS A 317 -13.37 10.31 -13.00
N GLN A 318 -13.83 11.21 -12.13
CA GLN A 318 -14.51 12.43 -12.54
C GLN A 318 -13.79 13.66 -12.00
N LEU A 319 -13.11 14.39 -12.88
CA LEU A 319 -12.53 15.71 -12.62
C LEU A 319 -13.02 16.64 -13.70
N ASN A 320 -12.80 17.95 -13.62
CA ASN A 320 -13.19 18.81 -12.51
C ASN A 320 -13.97 20.04 -13.05
N LYS A 321 -13.70 20.44 -14.30
CA LYS A 321 -14.21 21.65 -14.97
C LYS A 321 -13.63 23.04 -14.62
N ASN A 322 -12.83 23.13 -13.55
CA ASN A 322 -12.34 24.43 -13.03
C ASN A 322 -10.96 24.22 -12.34
N TRP A 323 -10.31 23.09 -12.61
CA TRP A 323 -8.87 22.93 -12.34
C TRP A 323 -8.02 23.43 -13.53
N ARG A 324 -8.67 23.60 -14.68
CA ARG A 324 -8.08 23.79 -16.02
C ARG A 324 -6.54 23.77 -16.22
N ASP A 325 -6.14 23.11 -17.31
CA ASP A 325 -4.78 23.15 -17.86
C ASP A 325 -3.75 22.43 -16.99
N GLU A 326 -3.20 23.10 -15.99
CA GLU A 326 -2.01 22.58 -15.29
C GLU A 326 -2.33 21.36 -14.43
N LYS A 327 -3.34 21.47 -13.59
CA LYS A 327 -3.68 20.38 -12.66
C LYS A 327 -4.44 19.23 -13.35
N LYS A 328 -4.97 19.48 -14.54
CA LYS A 328 -5.63 18.44 -15.33
C LYS A 328 -4.65 17.36 -15.77
N GLU A 329 -3.57 17.77 -16.44
CA GLU A 329 -2.65 16.81 -17.07
C GLU A 329 -1.76 16.05 -16.09
N ASN A 330 -1.34 16.68 -14.99
CA ASN A 330 -0.51 15.96 -13.99
C ASN A 330 -1.33 15.01 -13.08
N TYR A 331 -2.63 15.28 -12.94
CA TYR A 331 -3.58 14.29 -12.39
C TYR A 331 -3.77 13.14 -13.37
N HIS A 332 -3.87 13.46 -14.66
CA HIS A 332 -3.98 12.44 -15.70
C HIS A 332 -2.75 11.54 -15.80
N LYS A 333 -1.56 12.12 -15.81
CA LYS A 333 -0.33 11.31 -15.94
C LYS A 333 0.03 10.57 -14.65
N HIS A 334 -0.37 11.11 -13.49
CA HIS A 334 -0.28 10.34 -12.22
C HIS A 334 -1.14 9.07 -12.29
N ALA A 335 -2.36 9.20 -12.82
CA ALA A 335 -3.28 8.08 -12.99
C ALA A 335 -2.80 7.08 -14.05
N CYS A 336 -2.32 7.60 -15.18
CA CYS A 336 -1.80 6.75 -16.27
C CYS A 336 -0.49 6.05 -15.89
N ARG A 337 0.32 6.71 -15.06
CA ARG A 337 1.54 6.09 -14.52
C ARG A 337 1.21 4.88 -13.63
N GLU A 338 0.31 5.09 -12.68
CA GLU A 338 -0.18 4.02 -11.80
C GLU A 338 -0.77 2.88 -12.62
N TYR A 339 -1.61 3.21 -13.60
CA TYR A 339 -2.25 2.22 -14.45
C TYR A 339 -1.21 1.30 -15.11
N ARG A 340 -0.16 1.89 -15.69
CA ARG A 340 0.84 1.11 -16.44
C ARG A 340 1.72 0.22 -15.54
N ILE A 341 1.97 0.64 -14.30
CA ILE A 341 2.62 -0.22 -13.30
C ILE A 341 1.70 -1.41 -12.92
N HIS A 342 0.52 -1.06 -12.43
CA HIS A 342 -0.47 -1.99 -11.87
C HIS A 342 -1.02 -2.99 -12.91
N LYS A 343 -1.15 -2.54 -14.16
CA LYS A 343 -1.64 -3.40 -15.26
C LYS A 343 -0.86 -4.70 -15.38
N GLU A 344 0.47 -4.60 -15.32
CA GLU A 344 1.35 -5.75 -15.57
C GLU A 344 1.50 -6.70 -14.38
N LEU A 345 0.97 -6.34 -13.21
CA LEU A 345 1.10 -7.18 -12.02
C LEU A 345 0.09 -8.32 -12.04
N ASP A 346 0.58 -9.55 -11.90
CA ASP A 346 -0.23 -10.78 -11.90
C ASP A 346 0.19 -11.69 -10.73
N HIS A 347 -0.57 -11.60 -9.64
CA HIS A 347 -0.29 -12.36 -8.42
C HIS A 347 -1.58 -12.39 -7.61
N PRO A 348 -1.89 -13.52 -6.93
CA PRO A 348 -3.17 -13.62 -6.23
C PRO A 348 -3.36 -12.68 -5.03
N ARG A 349 -2.27 -12.17 -4.46
CA ARG A 349 -2.34 -11.22 -3.34
C ARG A 349 -2.30 -9.75 -3.79
N ILE A 350 -2.40 -9.50 -5.09
CA ILE A 350 -2.52 -8.14 -5.63
C ILE A 350 -3.78 -8.06 -6.49
N VAL A 351 -4.59 -7.03 -6.22
CA VAL A 351 -5.82 -6.77 -6.98
C VAL A 351 -5.44 -6.61 -8.44
N LYS A 352 -6.18 -7.30 -9.31
CA LYS A 352 -5.92 -7.24 -10.75
C LYS A 352 -6.64 -6.08 -11.42
N LEU A 353 -5.98 -5.55 -12.45
CA LEU A 353 -6.42 -4.38 -13.18
C LEU A 353 -6.60 -4.80 -14.63
N TYR A 354 -7.84 -4.69 -15.13
CA TYR A 354 -8.22 -5.29 -16.40
C TYR A 354 -8.19 -4.35 -17.61
N ASP A 355 -8.61 -3.10 -17.42
CA ASP A 355 -8.85 -2.21 -18.56
C ASP A 355 -8.79 -0.73 -18.15
N TYR A 356 -8.51 0.12 -19.14
CA TYR A 356 -8.65 1.58 -19.04
C TYR A 356 -9.38 2.04 -20.30
N PHE A 357 -10.23 3.07 -20.16
CA PHE A 357 -10.77 3.79 -21.30
C PHE A 357 -11.29 5.16 -20.88
N SER A 358 -11.13 6.17 -21.73
CA SER A 358 -11.64 7.52 -21.47
C SER A 358 -13.10 7.64 -21.91
N LEU A 359 -13.83 8.55 -21.29
CA LEU A 359 -15.25 8.80 -21.61
C LEU A 359 -15.38 10.11 -22.40
N ASP A 360 -15.38 11.24 -21.69
CA ASP A 360 -15.22 12.55 -22.33
C ASP A 360 -13.77 12.99 -22.08
N THR A 361 -13.46 14.27 -22.33
CA THR A 361 -12.12 14.80 -22.06
C THR A 361 -11.82 14.85 -20.56
N ASP A 362 -12.85 15.18 -19.77
CA ASP A 362 -12.75 15.32 -18.31
C ASP A 362 -13.21 14.08 -17.50
N SER A 363 -13.13 12.88 -18.06
CA SER A 363 -13.32 11.66 -17.28
C SER A 363 -12.80 10.42 -17.98
N PHE A 364 -12.45 9.41 -17.18
CA PHE A 364 -11.99 8.12 -17.67
C PHE A 364 -12.28 7.04 -16.64
N CYS A 365 -12.22 5.78 -17.09
CA CYS A 365 -12.46 4.63 -16.23
C CYS A 365 -11.25 3.73 -16.14
N THR A 366 -11.12 3.07 -14.99
CA THR A 366 -10.28 1.89 -14.83
C THR A 366 -11.20 0.75 -14.39
N VAL A 367 -10.85 -0.47 -14.81
CA VAL A 367 -11.66 -1.66 -14.54
C VAL A 367 -10.82 -2.65 -13.74
N LEU A 368 -11.37 -3.14 -12.64
CA LEU A 368 -10.63 -3.95 -11.68
C LEU A 368 -11.34 -5.26 -11.41
N GLU A 369 -10.58 -6.24 -10.90
CA GLU A 369 -11.13 -7.43 -10.25
C GLU A 369 -12.13 -7.01 -9.18
N TYR A 370 -13.33 -7.60 -9.21
CA TYR A 370 -14.36 -7.29 -8.20
C TYR A 370 -14.01 -8.01 -6.89
N CYS A 371 -13.87 -7.24 -5.81
CA CYS A 371 -13.45 -7.75 -4.49
C CYS A 371 -14.51 -7.47 -3.42
N GLU A 372 -14.94 -8.53 -2.74
CA GLU A 372 -15.94 -8.40 -1.69
C GLU A 372 -15.29 -7.94 -0.40
N GLY A 373 -16.10 -7.54 0.57
CA GLY A 373 -15.61 -7.10 1.86
C GLY A 373 -15.10 -5.66 1.88
N ASN A 374 -14.42 -5.31 2.97
CA ASN A 374 -13.87 -3.97 3.21
C ASN A 374 -12.37 -4.14 3.43
N ASP A 375 -11.72 -3.11 3.98
CA ASP A 375 -10.26 -3.10 4.17
C ASP A 375 -9.85 -3.17 5.63
N LEU A 376 -8.57 -3.43 5.87
CA LEU A 376 -8.01 -3.59 7.22
C LEU A 376 -8.20 -2.36 8.09
N ASP A 377 -8.24 -1.17 7.48
CA ASP A 377 -8.48 0.07 8.24
C ASP A 377 -9.87 0.06 8.86
N PHE A 378 -10.87 -0.30 8.06
CA PHE A 378 -12.25 -0.45 8.56
C PHE A 378 -12.36 -1.55 9.63
N TYR A 379 -11.71 -2.70 9.41
CA TYR A 379 -11.72 -3.80 10.36
C TYR A 379 -11.21 -3.36 11.73
N LEU A 380 -10.07 -2.66 11.74
CA LEU A 380 -9.47 -2.20 12.99
C LEU A 380 -10.29 -1.12 13.71
N LYS A 381 -11.13 -0.38 12.96
CA LYS A 381 -12.10 0.54 13.57
C LYS A 381 -13.20 -0.21 14.35
N GLN A 382 -13.69 -1.33 13.79
CA GLN A 382 -14.73 -2.14 14.45
C GLN A 382 -14.13 -2.87 15.64
N HIS A 383 -13.07 -3.65 15.38
CA HIS A 383 -12.56 -4.65 16.33
C HIS A 383 -11.30 -4.25 17.11
N LYS A 384 -10.82 -3.01 16.95
CA LYS A 384 -9.72 -2.46 17.78
C LYS A 384 -8.33 -3.08 17.51
N LEU A 385 -8.19 -4.38 17.79
CA LEU A 385 -6.98 -5.15 17.50
C LEU A 385 -7.36 -6.56 17.00
N MET A 386 -6.39 -7.46 16.85
CA MET A 386 -6.65 -8.88 16.54
C MET A 386 -5.61 -9.80 17.19
N SER A 387 -5.85 -11.11 17.08
CA SER A 387 -4.95 -12.12 17.65
C SER A 387 -3.66 -12.20 16.86
N GLU A 388 -2.66 -12.84 17.45
CA GLU A 388 -1.35 -12.93 16.82
C GLU A 388 -1.39 -13.86 15.62
N LYS A 389 -2.06 -15.00 15.79
CA LYS A 389 -2.30 -15.96 14.71
C LYS A 389 -2.95 -15.28 13.51
N GLU A 390 -3.95 -14.43 13.77
CA GLU A 390 -4.62 -13.63 12.74
C GLU A 390 -3.72 -12.55 12.14
N ALA A 391 -3.03 -11.80 13.01
CA ALA A 391 -2.10 -10.73 12.57
C ALA A 391 -0.98 -11.29 11.70
N ARG A 392 -0.46 -12.45 12.09
CA ARG A 392 0.56 -13.16 11.32
C ARG A 392 0.04 -13.66 9.98
N SER A 393 -1.18 -14.19 9.96
CA SER A 393 -1.86 -14.62 8.71
C SER A 393 -1.91 -13.52 7.64
N ILE A 394 -2.18 -12.29 8.06
CA ILE A 394 -2.21 -11.14 7.16
C ILE A 394 -0.81 -10.80 6.65
N ILE A 395 0.17 -10.77 7.56
CA ILE A 395 1.53 -10.34 7.22
C ILE A 395 2.22 -11.28 6.23
N MET A 396 2.05 -12.58 6.40
CA MET A 396 2.64 -13.56 5.48
C MET A 396 2.12 -13.32 4.06
N GLN A 397 0.82 -13.05 3.94
CA GLN A 397 0.19 -12.75 2.66
C GLN A 397 0.72 -11.47 2.03
N ILE A 398 0.84 -10.41 2.83
CA ILE A 398 1.44 -9.14 2.37
C ILE A 398 2.86 -9.40 1.87
N VAL A 399 3.64 -10.13 2.66
CA VAL A 399 5.04 -10.41 2.34
C VAL A 399 5.19 -11.21 1.03
N ASN A 400 4.26 -12.11 0.73
CA ASN A 400 4.27 -12.83 -0.55
C ASN A 400 4.05 -11.91 -1.74
N ALA A 401 3.23 -10.88 -1.56
CA ALA A 401 3.04 -9.84 -2.58
C ALA A 401 4.34 -9.06 -2.78
N LEU A 402 4.98 -8.66 -1.67
CA LEU A 402 6.24 -7.91 -1.73
C LEU A 402 7.38 -8.72 -2.37
N LYS A 403 7.42 -10.02 -2.08
CA LYS A 403 8.37 -10.92 -2.72
C LYS A 403 8.18 -10.93 -4.24
N TYR A 404 6.92 -10.91 -4.68
CA TYR A 404 6.57 -10.87 -6.11
C TYR A 404 6.96 -9.54 -6.75
N LEU A 405 6.70 -8.44 -6.05
CA LEU A 405 7.11 -7.11 -6.52
C LEU A 405 8.63 -6.96 -6.65
N ASN A 406 9.39 -7.77 -5.90
CA ASN A 406 10.85 -7.79 -6.00
C ASN A 406 11.42 -8.97 -6.83
N GLU A 407 10.54 -9.74 -7.48
CA GLU A 407 10.93 -10.70 -8.53
C GLU A 407 10.62 -10.16 -9.94
N ILE A 408 9.88 -9.06 -10.04
CA ILE A 408 9.25 -8.63 -11.28
C ILE A 408 10.24 -7.84 -12.17
N LYS A 409 9.94 -7.79 -13.48
CA LYS A 409 10.73 -7.14 -14.56
C LYS A 409 11.56 -5.85 -14.40
N PRO A 410 11.13 -4.86 -13.56
CA PRO A 410 12.17 -4.02 -12.93
C PRO A 410 11.41 -4.06 -11.59
N PRO A 411 12.11 -4.24 -10.45
CA PRO A 411 11.40 -4.32 -9.16
C PRO A 411 10.67 -3.04 -8.75
N ILE A 412 9.62 -3.21 -7.94
CA ILE A 412 8.77 -2.11 -7.46
C ILE A 412 8.95 -1.98 -5.95
N ILE A 413 8.99 -0.74 -5.46
CA ILE A 413 8.75 -0.42 -4.06
C ILE A 413 7.30 0.04 -3.98
N HIS A 414 6.47 -0.68 -3.22
CA HIS A 414 5.10 -0.25 -2.98
C HIS A 414 5.18 0.75 -1.82
N TYR A 415 5.24 2.03 -2.14
CA TYR A 415 5.60 3.04 -1.13
C TYR A 415 4.50 3.35 -0.12
N ASP A 416 3.27 2.91 -0.39
CA ASP A 416 2.09 3.28 0.39
C ASP A 416 1.40 2.06 1.06
N LEU A 417 2.17 1.17 1.67
CA LEU A 417 1.58 0.05 2.41
C LEU A 417 0.97 0.54 3.71
N LYS A 418 -0.33 0.30 3.89
CA LYS A 418 -1.07 0.71 5.08
C LYS A 418 -2.43 0.00 5.11
N PRO A 419 -3.09 -0.06 6.28
CA PRO A 419 -4.37 -0.77 6.38
C PRO A 419 -5.43 -0.37 5.34
N GLY A 420 -5.49 0.91 4.97
CA GLY A 420 -6.37 1.37 3.89
C GLY A 420 -6.20 0.70 2.54
N ASN A 421 -4.98 0.20 2.26
CA ASN A 421 -4.67 -0.51 1.02
C ASN A 421 -4.57 -2.04 1.14
N ILE A 422 -5.03 -2.61 2.27
CA ILE A 422 -5.10 -4.06 2.42
C ILE A 422 -6.57 -4.44 2.51
N LEU A 423 -7.06 -5.17 1.50
CA LEU A 423 -8.45 -5.59 1.42
C LEU A 423 -8.61 -6.96 2.05
N LEU A 424 -9.50 -7.09 3.04
CA LEU A 424 -9.87 -8.38 3.63
C LEU A 424 -11.06 -8.94 2.83
N VAL A 425 -10.74 -9.68 1.76
CA VAL A 425 -11.75 -10.07 0.77
C VAL A 425 -12.76 -11.12 1.23
N ASN A 426 -12.43 -11.86 2.30
CA ASN A 426 -13.39 -12.77 2.93
C ASN A 426 -14.14 -12.13 4.10
N GLY A 427 -13.91 -10.84 4.35
CA GLY A 427 -14.46 -10.16 5.52
C GLY A 427 -13.87 -10.57 6.87
N THR A 428 -12.74 -11.29 6.85
CA THR A 428 -12.11 -11.83 8.06
C THR A 428 -10.59 -11.67 8.03
N ALA A 429 -10.00 -11.61 9.23
CA ALA A 429 -8.56 -11.45 9.42
C ALA A 429 -7.77 -12.74 9.12
N CYS A 430 -8.34 -13.87 9.52
CA CYS A 430 -7.80 -15.21 9.21
C CYS A 430 -7.89 -15.56 7.71
N GLY A 431 -8.83 -14.93 7.00
CA GLY A 431 -9.04 -15.18 5.59
C GLY A 431 -8.06 -14.50 4.64
N GLU A 432 -8.43 -14.51 3.36
CA GLU A 432 -7.60 -13.98 2.29
C GLU A 432 -7.55 -12.47 2.34
N ILE A 433 -6.41 -11.94 1.88
CA ILE A 433 -6.22 -10.52 1.65
C ILE A 433 -5.61 -10.26 0.27
N LYS A 434 -5.69 -9.01 -0.17
CA LYS A 434 -5.03 -8.51 -1.37
C LYS A 434 -4.59 -7.07 -1.14
N ILE A 435 -3.45 -6.68 -1.73
CA ILE A 435 -2.99 -5.28 -1.68
C ILE A 435 -3.33 -4.54 -2.98
N THR A 436 -3.35 -3.21 -2.89
CA THR A 436 -3.72 -2.35 -4.02
C THR A 436 -3.08 -0.96 -3.84
N ASP A 437 -3.43 -0.02 -4.73
CA ASP A 437 -2.92 1.37 -4.74
C ASP A 437 -1.45 1.72 -4.99
N PHE A 438 -0.99 1.51 -6.24
CA PHE A 438 0.36 1.87 -6.63
C PHE A 438 0.66 3.30 -7.10
N GLY A 439 -0.09 4.25 -6.54
CA GLY A 439 0.02 5.67 -6.91
C GLY A 439 1.34 6.31 -6.53
N LEU A 440 1.87 5.93 -5.37
CA LEU A 440 3.18 6.40 -4.91
C LEU A 440 4.32 5.40 -5.13
N SER A 441 4.07 4.33 -5.89
CA SER A 441 5.05 3.25 -6.01
C SER A 441 6.22 3.64 -6.90
N LYS A 442 7.43 3.34 -6.42
CA LYS A 442 8.70 3.67 -7.10
C LYS A 442 9.22 2.48 -7.89
N ILE A 443 9.73 2.74 -9.09
CA ILE A 443 10.27 1.69 -9.95
C ILE A 443 11.80 1.67 -9.81
N MET A 444 12.33 0.54 -9.34
CA MET A 444 13.78 0.34 -9.17
C MET A 444 14.42 -0.20 -10.46
N ASP A 445 14.43 0.64 -11.50
CA ASP A 445 15.07 0.31 -12.78
C ASP A 445 16.55 0.69 -12.72
N ASP A 446 17.30 0.40 -13.77
CA ASP A 446 18.75 0.59 -13.75
C ASP A 446 19.19 2.06 -13.81
N ASP A 447 18.40 2.90 -14.46
CA ASP A 447 18.65 4.36 -14.46
C ASP A 447 18.57 4.98 -13.07
N SER A 448 17.59 4.53 -12.28
CA SER A 448 17.30 5.11 -10.97
C SER A 448 18.07 4.44 -9.83
N TYR A 449 18.14 3.11 -9.86
CA TYR A 449 18.52 2.30 -8.69
C TYR A 449 19.77 1.45 -8.96
N ASN A 450 20.63 1.34 -7.94
CA ASN A 450 21.66 0.29 -7.85
C ASN A 450 21.74 -0.19 -6.39
N SER A 451 22.27 -1.40 -6.19
CA SER A 451 22.23 -2.06 -4.87
C SER A 451 23.12 -1.44 -3.80
N VAL A 452 24.12 -0.65 -4.21
CA VAL A 452 25.01 0.05 -3.26
C VAL A 452 24.26 1.25 -2.67
N ASP A 453 23.85 2.17 -3.54
CA ASP A 453 23.27 3.46 -3.13
C ASP A 453 21.75 3.43 -2.95
N GLY A 454 21.05 2.65 -3.76
CA GLY A 454 19.60 2.73 -3.82
C GLY A 454 19.22 3.85 -4.76
N MET A 455 17.97 4.29 -4.68
CA MET A 455 17.44 5.32 -5.59
C MET A 455 17.04 6.58 -4.84
N GLU A 456 17.16 7.72 -5.50
CA GLU A 456 16.81 9.02 -4.91
C GLU A 456 15.31 9.11 -4.75
N LEU A 457 14.87 9.52 -3.55
CA LEU A 457 13.44 9.63 -3.25
C LEU A 457 12.83 10.71 -4.12
N THR A 458 11.80 10.32 -4.87
CA THR A 458 11.29 11.11 -5.98
C THR A 458 10.48 12.33 -5.50
N SER A 459 9.52 12.09 -4.60
CA SER A 459 8.52 13.07 -4.24
C SER A 459 8.41 13.15 -2.71
N GLN A 460 9.44 13.75 -2.09
CA GLN A 460 9.54 13.79 -0.62
C GLN A 460 8.38 14.53 0.01
N GLY A 461 7.79 13.96 1.06
CA GLY A 461 6.59 14.51 1.71
C GLY A 461 5.30 13.76 1.41
N ALA A 462 5.27 13.03 0.30
CA ALA A 462 4.11 12.19 -0.03
C ALA A 462 3.98 10.97 0.89
N GLY A 463 2.78 10.41 0.93
CA GLY A 463 2.49 9.19 1.68
C GLY A 463 2.06 9.46 3.10
N THR A 464 1.71 8.37 3.78
CA THR A 464 1.18 8.38 5.15
C THR A 464 2.32 8.12 6.14
N TYR A 465 2.66 9.13 6.94
CA TYR A 465 3.93 9.18 7.67
C TYR A 465 4.12 8.12 8.75
N TRP A 466 3.01 7.60 9.29
CA TRP A 466 3.08 6.53 10.28
C TRP A 466 3.81 5.28 9.76
N TYR A 467 3.61 4.97 8.48
CA TYR A 467 4.11 3.73 7.87
C TYR A 467 5.42 3.90 7.08
N LEU A 468 6.00 5.10 7.11
CA LEU A 468 7.28 5.37 6.44
C LEU A 468 8.44 5.37 7.43
N PRO A 469 9.63 4.93 6.98
CA PRO A 469 10.82 4.85 7.83
C PRO A 469 11.55 6.19 8.02
N PRO A 470 12.52 6.24 8.95
CA PRO A 470 13.27 7.47 9.26
C PRO A 470 13.97 8.13 8.07
N GLU A 471 14.64 7.33 7.23
CA GLU A 471 15.39 7.88 6.09
C GLU A 471 14.55 8.79 5.17
N CYS A 472 13.25 8.50 5.07
CA CYS A 472 12.32 9.31 4.25
C CYS A 472 12.09 10.74 4.73
N PHE A 473 12.43 11.06 5.99
CA PHE A 473 12.19 12.40 6.56
C PHE A 473 13.41 13.33 6.62
N VAL A 474 14.59 12.86 6.21
CA VAL A 474 15.79 13.70 6.20
C VAL A 474 15.74 14.70 5.03
N VAL A 475 15.70 15.99 5.38
CA VAL A 475 15.68 17.08 4.38
C VAL A 475 17.02 17.81 4.36
N GLY A 476 17.63 17.94 3.18
CA GLY A 476 18.94 18.56 3.02
C GLY A 476 19.21 19.02 1.59
N LYS A 477 20.48 19.04 1.19
CA LYS A 477 20.87 19.35 -0.20
C LYS A 477 20.29 18.35 -1.20
N GLU A 478 20.65 17.08 -1.03
CA GLU A 478 20.25 15.99 -1.90
C GLU A 478 19.12 15.22 -1.25
N PRO A 479 18.24 14.59 -2.05
CA PRO A 479 17.13 13.85 -1.46
C PRO A 479 17.60 12.54 -0.80
N PRO A 480 16.73 11.89 -0.01
CA PRO A 480 17.09 10.60 0.57
C PRO A 480 17.36 9.51 -0.45
N LYS A 481 18.13 8.51 -0.06
CA LYS A 481 18.33 7.28 -0.82
C LYS A 481 17.53 6.16 -0.17
N ILE A 482 16.68 5.49 -0.96
CA ILE A 482 15.79 4.45 -0.45
C ILE A 482 15.90 3.15 -1.25
N SER A 483 15.33 2.09 -0.69
CA SER A 483 15.24 0.79 -1.36
C SER A 483 13.95 0.09 -0.89
N ASN A 484 13.79 -1.19 -1.24
CA ASN A 484 12.61 -1.96 -0.77
C ASN A 484 12.52 -2.10 0.76
N LYS A 485 13.54 -1.61 1.47
CA LYS A 485 13.54 -1.55 2.93
C LYS A 485 12.51 -0.59 3.52
N VAL A 486 11.94 0.30 2.71
CA VAL A 486 10.84 1.16 3.19
C VAL A 486 9.55 0.34 3.35
N ASP A 487 9.35 -0.67 2.50
CA ASP A 487 8.21 -1.60 2.63
C ASP A 487 8.34 -2.49 3.86
N VAL A 488 9.57 -2.86 4.21
CA VAL A 488 9.84 -3.67 5.40
C VAL A 488 9.41 -2.90 6.66
N TRP A 489 9.75 -1.62 6.73
CA TRP A 489 9.30 -0.76 7.83
C TRP A 489 7.77 -0.74 7.90
N SER A 490 7.11 -0.57 6.75
CA SER A 490 5.65 -0.55 6.69
C SER A 490 5.05 -1.82 7.27
N VAL A 491 5.60 -2.97 6.89
CA VAL A 491 5.15 -4.27 7.40
C VAL A 491 5.28 -4.36 8.92
N GLY A 492 6.40 -3.85 9.46
CA GLY A 492 6.60 -3.80 10.91
C GLY A 492 5.54 -2.98 11.63
N VAL A 493 5.23 -1.82 11.07
CA VAL A 493 4.24 -0.92 11.66
C VAL A 493 2.85 -1.56 11.60
N ILE A 494 2.48 -2.09 10.43
CA ILE A 494 1.15 -2.70 10.21
C ILE A 494 0.93 -3.88 11.16
N PHE A 495 1.95 -4.72 11.30
CA PHE A 495 1.89 -5.88 12.20
C PHE A 495 1.67 -5.42 13.64
N TYR A 496 2.51 -4.49 14.10
CA TYR A 496 2.37 -3.88 15.42
C TYR A 496 0.94 -3.35 15.64
N GLN A 497 0.42 -2.63 14.65
CA GLN A 497 -0.93 -2.04 14.72
C GLN A 497 -2.03 -3.09 14.87
N CYS A 498 -1.93 -4.18 14.11
CA CYS A 498 -2.86 -5.30 14.20
C CYS A 498 -2.85 -5.96 15.59
N LEU A 499 -1.67 -6.06 16.20
CA LEU A 499 -1.55 -6.70 17.52
C LEU A 499 -2.05 -5.82 18.68
N TYR A 500 -1.56 -4.58 18.74
CA TYR A 500 -1.80 -3.67 19.87
C TYR A 500 -2.93 -2.65 19.67
N GLY A 501 -3.43 -2.51 18.45
CA GLY A 501 -4.51 -1.56 18.14
C GLY A 501 -4.08 -0.10 18.19
N ARG A 502 -2.77 0.13 18.15
CA ARG A 502 -2.18 1.45 18.20
C ARG A 502 -0.92 1.42 17.32
N LYS A 503 -0.54 2.57 16.79
CA LYS A 503 0.65 2.66 15.95
C LYS A 503 1.87 2.86 16.85
N PRO A 504 3.02 2.26 16.47
CA PRO A 504 4.19 2.29 17.35
C PRO A 504 4.83 3.67 17.51
N PHE A 505 4.70 4.52 16.49
CA PHE A 505 5.29 5.86 16.51
C PHE A 505 4.26 6.90 16.10
N GLY A 506 4.15 7.97 16.87
CA GLY A 506 3.27 9.10 16.55
C GLY A 506 1.79 8.77 16.55
N HIS A 507 1.38 7.93 17.50
CA HIS A 507 0.02 7.39 17.53
C HIS A 507 -1.06 8.47 17.51
N ASN A 508 -0.95 9.44 18.42
CA ASN A 508 -1.93 10.53 18.49
C ASN A 508 -1.35 11.81 17.90
N GLN A 509 -0.92 11.72 16.63
CA GLN A 509 -0.31 12.85 15.93
C GLN A 509 -0.74 12.90 14.46
N SER A 510 -1.05 14.11 14.00
CA SER A 510 -1.37 14.37 12.59
C SER A 510 -0.10 14.31 11.75
N GLN A 511 -0.26 14.37 10.44
CA GLN A 511 0.88 14.40 9.50
C GLN A 511 1.77 15.63 9.76
N GLN A 512 1.14 16.79 9.90
CA GLN A 512 1.84 18.05 10.23
C GLN A 512 2.53 18.03 11.60
N ASP A 513 1.95 17.31 12.56
CA ASP A 513 2.59 17.09 13.88
C ASP A 513 3.85 16.23 13.77
N ILE A 514 3.76 15.14 13.00
CA ILE A 514 4.89 14.22 12.78
C ILE A 514 6.11 15.00 12.30
N LEU A 515 5.92 15.83 11.28
CA LEU A 515 6.98 16.66 10.69
C LEU A 515 7.52 17.70 11.68
N GLN A 516 6.61 18.42 12.32
CA GLN A 516 6.97 19.44 13.31
C GLN A 516 7.86 18.87 14.42
N GLU A 517 7.47 17.72 14.96
CA GLU A 517 8.16 17.08 16.09
C GLU A 517 9.28 16.12 15.67
N ASN A 518 9.40 15.82 14.37
CA ASN A 518 10.33 14.80 13.87
C ASN A 518 10.20 13.48 14.64
N THR A 519 8.96 13.03 14.83
CA THR A 519 8.70 11.87 15.67
C THR A 519 9.17 10.56 15.03
N ILE A 520 9.22 10.50 13.70
CA ILE A 520 9.75 9.31 13.02
C ILE A 520 11.30 9.27 13.03
N LEU A 521 11.96 10.44 12.97
CA LEU A 521 13.42 10.52 13.15
C LEU A 521 13.87 10.20 14.58
N LYS A 522 12.94 10.27 15.54
CA LYS A 522 13.21 9.86 16.92
C LYS A 522 12.77 8.42 17.23
N ALA A 523 12.30 7.68 16.22
CA ALA A 523 11.77 6.33 16.40
C ALA A 523 12.87 5.28 16.48
N THR A 524 13.76 5.44 17.45
CA THR A 524 15.01 4.68 17.51
C THR A 524 14.83 3.30 18.16
N GLU A 525 13.93 3.22 19.13
CA GLU A 525 13.63 1.97 19.80
C GLU A 525 12.11 1.84 19.92
N VAL A 526 11.59 0.65 19.62
CA VAL A 526 10.15 0.38 19.67
C VAL A 526 9.83 -0.30 21.01
N GLN A 527 8.82 0.22 21.71
CA GLN A 527 8.36 -0.37 22.98
C GLN A 527 7.08 -1.17 22.80
N PHE A 528 6.86 -2.11 23.71
CA PHE A 528 5.74 -3.03 23.66
C PHE A 528 4.95 -2.96 24.97
N PRO A 529 3.65 -2.58 24.89
CA PRO A 529 2.81 -2.67 26.09
C PRO A 529 2.70 -4.12 26.59
N PRO A 530 2.65 -4.32 27.93
CA PRO A 530 2.59 -5.66 28.51
C PRO A 530 1.30 -6.45 28.17
N LYS A 531 0.20 -5.73 27.97
CA LYS A 531 -1.06 -6.30 27.49
C LYS A 531 -1.38 -5.71 26.09
N PRO A 532 -1.87 -6.50 25.13
CA PRO A 532 -2.04 -7.96 25.24
C PRO A 532 -0.73 -8.71 25.09
N VAL A 533 -0.74 -9.99 25.42
CA VAL A 533 0.45 -10.84 25.34
C VAL A 533 0.74 -11.14 23.88
N VAL A 534 1.99 -10.90 23.47
CA VAL A 534 2.48 -11.40 22.18
C VAL A 534 3.76 -12.18 22.48
N THR A 535 4.04 -13.22 21.70
CA THR A 535 5.29 -13.99 21.87
C THR A 535 6.53 -13.10 21.70
N PRO A 536 7.63 -13.41 22.44
CA PRO A 536 8.89 -12.70 22.18
C PRO A 536 9.49 -12.95 20.77
N GLU A 537 9.09 -14.03 20.10
CA GLU A 537 9.42 -14.26 18.67
C GLU A 537 8.75 -13.22 17.77
N ALA A 538 7.48 -12.90 18.07
CA ALA A 538 6.77 -11.83 17.38
C ALA A 538 7.42 -10.47 17.62
N LYS A 539 7.81 -10.20 18.88
CA LYS A 539 8.47 -8.95 19.23
C LYS A 539 9.85 -8.80 18.56
N ALA A 540 10.59 -9.91 18.49
CA ALA A 540 11.89 -9.96 17.81
C ALA A 540 11.77 -9.72 16.31
N PHE A 541 10.71 -10.27 15.70
CA PHE A 541 10.36 -10.00 14.30
C PHE A 541 10.09 -8.51 14.03
N ILE A 542 9.36 -7.87 14.94
CA ILE A 542 9.02 -6.44 14.79
C ILE A 542 10.29 -5.57 14.90
N ARG A 543 11.18 -5.91 15.81
CA ARG A 543 12.44 -5.18 15.96
C ARG A 543 13.35 -5.33 14.73
N ARG A 544 13.32 -6.49 14.07
CA ARG A 544 14.05 -6.70 12.82
C ARG A 544 13.52 -5.80 11.69
N CYS A 545 12.18 -5.72 11.58
CA CYS A 545 11.50 -4.88 10.58
C CYS A 545 11.65 -3.39 10.85
N LEU A 546 11.56 -3.00 12.13
CA LEU A 546 11.65 -1.58 12.55
C LEU A 546 13.06 -1.14 13.02
N ALA A 547 14.10 -1.61 12.34
CA ALA A 547 15.47 -1.20 12.63
C ALA A 547 15.64 0.23 12.15
N TYR A 548 16.06 1.12 13.05
CA TYR A 548 16.13 2.56 12.75
C TYR A 548 17.04 2.85 11.55
N ARG A 549 18.26 2.34 11.60
CA ARG A 549 19.23 2.54 10.54
C ARG A 549 18.95 1.53 9.45
N LYS A 550 18.76 2.01 8.21
CA LYS A 550 18.38 1.14 7.10
C LYS A 550 19.40 0.05 6.80
N GLU A 551 20.67 0.31 7.08
CA GLU A 551 21.71 -0.70 6.90
C GLU A 551 21.57 -1.87 7.88
N ASP A 552 20.97 -1.62 9.04
CA ASP A 552 20.66 -2.67 10.03
C ASP A 552 19.34 -3.38 9.77
N ARG A 553 18.51 -2.85 8.87
CA ARG A 553 17.19 -3.41 8.61
C ARG A 553 17.29 -4.50 7.54
N ILE A 554 16.56 -5.59 7.74
CA ILE A 554 16.41 -6.61 6.69
C ILE A 554 15.71 -6.03 5.45
N ASP A 555 16.07 -6.54 4.26
CA ASP A 555 15.38 -6.17 3.02
C ASP A 555 14.26 -7.18 2.72
N VAL A 556 13.50 -6.95 1.65
CA VAL A 556 12.30 -7.75 1.36
C VAL A 556 12.65 -9.23 1.16
N GLN A 557 13.77 -9.49 0.49
CA GLN A 557 14.26 -10.85 0.25
C GLN A 557 14.42 -11.60 1.57
N GLN A 558 15.07 -10.95 2.54
CA GLN A 558 15.31 -11.51 3.86
C GLN A 558 14.05 -11.57 4.75
N LEU A 559 13.12 -10.64 4.54
CA LEU A 559 11.79 -10.70 5.18
C LEU A 559 10.97 -11.89 4.67
N ALA A 560 11.08 -12.15 3.36
CA ALA A 560 10.38 -13.28 2.72
C ALA A 560 10.89 -14.67 3.12
N CYS A 561 12.03 -14.72 3.80
CA CYS A 561 12.52 -15.95 4.40
C CYS A 561 12.89 -15.70 5.86
N ASP A 562 12.01 -14.98 6.57
CA ASP A 562 12.21 -14.71 8.00
C ASP A 562 11.69 -15.92 8.77
N PRO A 563 12.42 -16.37 9.82
CA PRO A 563 12.00 -17.56 10.56
C PRO A 563 10.58 -17.47 11.11
N TYR A 564 10.21 -16.31 11.61
CA TYR A 564 8.86 -16.06 12.16
C TYR A 564 7.75 -16.43 11.17
N LEU A 565 7.98 -16.16 9.88
CA LEU A 565 6.99 -16.40 8.82
C LEU A 565 7.04 -17.78 8.15
N LEU A 566 7.90 -18.67 8.63
CA LEU A 566 7.98 -20.05 8.08
C LEU A 566 6.82 -20.91 8.57
N PRO A 567 6.01 -21.49 7.64
CA PRO A 567 5.02 -22.50 8.07
C PRO A 567 5.64 -23.81 8.56
#